data_5WSU
#
_entry.id   5WSU
#
_cell.length_a   80.930
_cell.length_b   80.930
_cell.length_c   175.290
_cell.angle_alpha   90.00
_cell.angle_beta   90.00
_cell.angle_gamma   90.00
#
_symmetry.space_group_name_H-M   'P 41'
#
loop_
_entity.id
_entity.type
_entity.pdbx_description
1 polymer Calmodulin
2 polymer 'Unconventional myosin-VIIa'
#
loop_
_entity_poly.entity_id
_entity_poly.type
_entity_poly.pdbx_seq_one_letter_code
_entity_poly.pdbx_strand_id
1 'polypeptide(L)'
;GPGSADQLTEEQIAEFKEAFSLFDKDGDGTITTKELGTVMRSLGQNPTEAELQDMINEVDADGNGTIDFPEFLTMMARKM
KDTDSEEEIREAFRVFDKDGNGYISAAELRHVMTNLGEKLTDEEVDEMIREADIDGDGQVNYEEFVQMMTAK
;
A,B
2 'polypeptide(L)'
;GPGSRHRLWAVITVQAYARGMIARRLHRRLRVEYQRRLEAERMRLAEEEKLRKEMSAKKAKEEAERKHQERLAQLAREDA
ERELKEKEEARRKKELLEQMEKARHE
;
C,D
#
# COMPACT_ATOMS: atom_id res chain seq x y z
N ASP A 6 17.60 32.38 24.08
CA ASP A 6 16.45 32.59 24.95
C ASP A 6 16.12 31.33 25.75
N GLN A 7 15.50 31.50 26.91
CA GLN A 7 15.24 30.39 27.82
C GLN A 7 13.80 29.93 27.67
N LEU A 8 13.60 28.62 27.81
CA LEU A 8 12.30 28.00 27.57
C LEU A 8 11.29 28.47 28.60
N THR A 9 10.18 29.05 28.12
CA THR A 9 9.13 29.51 29.02
C THR A 9 8.49 28.37 29.79
N GLU A 10 7.83 28.75 30.90
CA GLU A 10 7.11 27.78 31.71
C GLU A 10 6.06 27.05 30.88
N GLU A 11 5.49 27.73 29.88
CA GLU A 11 4.55 27.05 28.99
C GLU A 11 5.25 25.94 28.23
N GLN A 12 6.46 26.23 27.72
CA GLN A 12 7.18 25.22 26.95
C GLN A 12 7.65 24.09 27.84
N ILE A 13 8.19 24.42 29.01
CA ILE A 13 8.69 23.38 29.90
C ILE A 13 7.54 22.46 30.30
N ALA A 14 6.35 23.04 30.51
CA ALA A 14 5.19 22.23 30.86
C ALA A 14 4.80 21.32 29.70
N GLU A 15 4.77 21.87 28.47
CA GLU A 15 4.45 21.04 27.32
C GLU A 15 5.46 19.90 27.19
N PHE A 16 6.72 20.19 27.47
CA PHE A 16 7.78 19.21 27.34
C PHE A 16 7.64 18.11 28.40
N LYS A 17 7.29 18.50 29.62
CA LYS A 17 7.10 17.51 30.68
C LYS A 17 5.97 16.56 30.33
N GLU A 18 4.91 17.08 29.70
CA GLU A 18 3.81 16.22 29.29
C GLU A 18 4.29 15.16 28.31
N ALA A 19 5.02 15.57 27.27
CA ALA A 19 5.56 14.60 26.33
C ALA A 19 6.46 13.59 27.04
N PHE A 20 7.49 14.07 27.73
CA PHE A 20 8.45 13.20 28.39
C PHE A 20 7.76 12.18 29.29
N SER A 21 6.76 12.62 30.06
CA SER A 21 6.09 11.76 31.03
C SER A 21 5.34 10.59 30.38
N LEU A 22 4.83 10.79 29.17
CA LEU A 22 4.13 9.70 28.50
C LEU A 22 5.05 8.54 28.17
N PHE A 23 6.36 8.78 28.18
CA PHE A 23 7.34 7.75 27.89
C PHE A 23 8.24 7.46 29.09
N GLY A 27 6.89 3.62 34.33
CA GLY A 27 6.97 4.81 35.17
C GLY A 27 8.39 5.24 35.50
N ASP A 28 9.30 5.13 34.51
CA ASP A 28 10.73 5.16 34.79
C ASP A 28 11.18 6.52 35.35
N GLY A 29 10.67 7.62 34.81
CA GLY A 29 11.16 8.93 35.17
C GLY A 29 12.34 9.37 34.34
N THR A 30 12.72 8.56 33.36
CA THR A 30 13.75 8.86 32.37
C THR A 30 13.37 8.09 31.12
N ILE A 31 13.76 8.61 29.96
CA ILE A 31 13.36 7.98 28.70
C ILE A 31 14.57 7.33 28.07
N THR A 32 14.30 6.28 27.30
CA THR A 32 15.34 5.54 26.62
C THR A 32 15.84 6.35 25.44
N THR A 33 16.96 5.92 24.89
CA THR A 33 17.49 6.61 23.71
C THR A 33 16.61 6.34 22.49
N LYS A 34 16.06 5.11 22.37
CA LYS A 34 15.16 4.82 21.26
C LYS A 34 13.92 5.70 21.31
N GLU A 35 13.36 5.88 22.50
CA GLU A 35 12.17 6.72 22.62
C GLU A 35 12.53 8.18 22.43
N LEU A 36 13.77 8.54 22.75
CA LEU A 36 14.20 9.94 22.65
C LEU A 36 13.84 10.54 21.31
N GLY A 37 14.12 9.82 20.23
CA GLY A 37 13.73 10.30 18.91
C GLY A 37 12.27 10.66 18.86
N THR A 38 11.41 9.72 19.23
CA THR A 38 9.98 9.91 19.12
C THR A 38 9.50 11.06 19.99
N VAL A 39 10.12 11.27 21.16
CA VAL A 39 9.70 12.33 22.06
C VAL A 39 10.05 13.71 21.49
N MET A 40 11.23 13.83 20.87
CA MET A 40 11.62 15.12 20.29
C MET A 40 10.69 15.51 19.16
N ARG A 41 10.43 14.58 18.24
CA ARG A 41 9.51 14.86 17.12
C ARG A 41 8.10 15.16 17.60
N SER A 42 7.62 14.42 18.60
CA SER A 42 6.28 14.66 19.13
C SER A 42 6.10 16.08 19.61
N LEU A 43 7.20 16.77 19.91
CA LEU A 43 7.15 18.15 20.35
C LEU A 43 7.41 19.11 19.20
N GLY A 44 7.08 18.70 17.99
CA GLY A 44 7.22 19.53 16.82
C GLY A 44 8.50 19.33 16.04
N GLN A 45 9.44 18.53 16.54
CA GLN A 45 10.73 18.38 15.89
C GLN A 45 10.63 17.41 14.72
N ASN A 46 11.56 17.55 13.78
CA ASN A 46 11.65 16.62 12.65
C ASN A 46 13.12 16.41 12.30
N PRO A 47 13.85 15.70 13.13
CA PRO A 47 15.24 15.40 12.79
C PRO A 47 15.39 14.03 12.16
N THR A 48 16.46 13.83 11.42
CA THR A 48 16.78 12.52 10.89
C THR A 48 17.53 11.71 11.95
N GLU A 49 17.62 10.39 11.75
CA GLU A 49 18.31 9.56 12.73
C GLU A 49 19.81 9.82 12.76
N ALA A 50 20.37 10.36 11.68
CA ALA A 50 21.77 10.79 11.69
C ALA A 50 21.99 11.86 12.74
N GLU A 51 21.17 12.91 12.69
CA GLU A 51 21.28 13.99 13.66
C GLU A 51 21.09 13.47 15.09
N LEU A 52 20.27 12.44 15.26
CA LEU A 52 20.04 11.88 16.58
C LEU A 52 21.28 11.19 17.15
N GLN A 53 21.93 10.33 16.36
CA GLN A 53 23.08 9.58 16.90
C GLN A 53 24.20 10.50 17.35
N ASP A 54 24.42 11.62 16.67
CA ASP A 54 25.42 12.57 17.15
C ASP A 54 25.06 13.07 18.55
N MET A 55 23.80 13.48 18.74
CA MET A 55 23.40 14.00 20.05
C MET A 55 23.38 12.92 21.13
N ILE A 56 23.14 11.66 20.77
CA ILE A 56 23.10 10.62 21.80
C ILE A 56 24.50 10.20 22.21
N ASN A 57 25.45 10.28 21.28
CA ASN A 57 26.84 10.03 21.63
C ASN A 57 27.39 11.14 22.50
N GLU A 58 26.79 12.34 22.41
CA GLU A 58 27.24 13.48 23.20
C GLU A 58 26.97 13.34 24.69
N VAL A 59 25.96 12.55 25.07
CA VAL A 59 25.59 12.49 26.47
C VAL A 59 25.23 11.06 26.88
N ASP A 60 26.09 10.11 26.55
CA ASP A 60 25.87 8.76 27.01
C ASP A 60 27.20 8.01 27.11
N ALA A 61 27.24 7.04 28.01
CA ALA A 61 28.37 6.14 28.14
C ALA A 61 27.93 4.78 28.68
N ASN A 64 25.57 5.55 31.59
CA ASN A 64 24.19 6.02 31.66
C ASN A 64 23.27 5.12 30.84
N GLY A 65 23.03 5.50 29.59
CA GLY A 65 22.20 4.73 28.69
C GLY A 65 20.85 5.35 28.40
N THR A 66 20.50 6.44 29.08
CA THR A 66 19.17 7.03 29.01
C THR A 66 19.27 8.55 29.10
N ILE A 67 18.11 9.21 29.00
CA ILE A 67 18.02 10.66 29.14
C ILE A 67 16.84 10.98 30.04
N ASP A 68 17.06 11.80 31.05
CA ASP A 68 16.01 12.31 31.91
C ASP A 68 15.59 13.70 31.46
N PHE A 69 14.51 14.19 32.05
CA PHE A 69 13.91 15.44 31.59
C PHE A 69 14.89 16.61 31.61
N PRO A 70 15.71 16.84 32.64
CA PRO A 70 16.65 17.97 32.54
C PRO A 70 17.62 17.78 31.41
N GLU A 71 18.18 16.57 31.28
CA GLU A 71 19.06 16.28 30.16
C GLU A 71 18.29 16.44 28.87
N PHE A 72 17.05 15.96 28.85
CA PHE A 72 16.22 16.07 27.67
C PHE A 72 15.96 17.53 27.31
N LEU A 73 15.77 18.39 28.32
CA LEU A 73 15.57 19.80 28.03
C LEU A 73 16.83 20.40 27.41
N THR A 74 18.00 19.98 27.88
CA THR A 74 19.24 20.47 27.28
C THR A 74 19.37 19.91 25.87
N MET A 75 18.78 18.75 25.61
CA MET A 75 18.77 18.20 24.27
C MET A 75 17.78 18.96 23.41
N MET A 76 16.72 19.47 24.02
CA MET A 76 15.75 20.28 23.31
C MET A 76 16.26 21.69 23.14
N ALA A 77 17.27 22.07 23.94
CA ALA A 77 17.98 23.31 23.74
C ALA A 77 19.07 23.14 22.68
N ARG A 78 19.75 22.00 22.71
CA ARG A 78 20.79 21.72 21.72
C ARG A 78 20.20 21.72 20.32
N LYS A 79 19.21 20.85 20.08
CA LYS A 79 18.52 20.82 18.80
C LYS A 79 17.42 21.86 18.77
N MET A 80 17.39 22.69 17.72
CA MET A 80 16.39 23.74 17.58
C MET A 80 16.22 24.09 16.10
N LYS A 81 14.97 24.22 15.66
CA LYS A 81 14.63 24.51 14.28
C LYS A 81 14.58 26.00 14.02
N ASP A 82 15.42 26.47 13.09
CA ASP A 82 15.42 27.86 12.68
C ASP A 82 14.33 28.12 11.65
N SER A 85 11.28 24.16 7.15
CA SER A 85 9.90 24.60 7.28
C SER A 85 9.00 23.80 6.33
N GLU A 86 7.98 24.46 5.76
CA GLU A 86 7.12 23.79 4.80
C GLU A 86 7.68 23.85 3.38
N GLU A 87 8.57 24.80 3.11
CA GLU A 87 9.20 24.90 1.80
C GLU A 87 10.27 23.83 1.62
N GLU A 88 10.96 23.47 2.71
CA GLU A 88 12.02 22.47 2.62
C GLU A 88 11.45 21.10 2.28
N ILE A 89 10.30 20.74 2.88
CA ILE A 89 9.68 19.47 2.53
C ILE A 89 8.94 19.56 1.20
N ARG A 90 8.42 20.73 0.83
CA ARG A 90 7.84 20.89 -0.50
C ARG A 90 8.90 20.67 -1.56
N GLU A 91 10.06 21.30 -1.39
CA GLU A 91 11.11 21.14 -2.39
C GLU A 91 11.66 19.72 -2.35
N ALA A 92 11.75 19.12 -1.15
CA ALA A 92 12.16 17.72 -1.07
C ALA A 92 11.14 16.82 -1.79
N PHE A 93 9.84 17.14 -1.66
CA PHE A 93 8.81 16.44 -2.42
C PHE A 93 8.82 16.82 -3.88
N ARG A 94 9.29 18.02 -4.21
CA ARG A 94 9.36 18.38 -5.61
C ARG A 94 10.30 17.44 -6.35
N VAL A 95 11.30 16.89 -5.66
CA VAL A 95 12.24 15.97 -6.28
C VAL A 95 11.56 14.66 -6.61
N PHE A 96 10.39 14.42 -6.01
CA PHE A 96 9.58 13.24 -6.28
C PHE A 96 8.60 13.41 -7.44
N ASP A 97 8.02 14.60 -7.60
CA ASP A 97 7.16 14.91 -8.75
C ASP A 97 8.07 15.00 -9.97
N LYS A 98 8.42 13.83 -10.52
CA LYS A 98 9.28 13.79 -11.69
C LYS A 98 8.69 14.62 -12.82
N ASP A 99 7.37 14.63 -12.94
CA ASP A 99 6.70 15.46 -13.93
C ASP A 99 6.77 16.93 -13.56
N GLY A 100 6.92 17.22 -12.28
CA GLY A 100 6.77 18.56 -11.77
C GLY A 100 5.33 19.00 -11.78
N ASN A 101 4.42 18.02 -11.94
CA ASN A 101 2.99 18.27 -11.96
C ASN A 101 2.48 18.58 -10.55
N GLY A 102 3.25 18.26 -9.53
CA GLY A 102 2.82 18.45 -8.18
C GLY A 102 2.25 17.19 -7.57
N TYR A 103 2.37 16.06 -8.25
CA TYR A 103 1.85 14.79 -7.78
C TYR A 103 2.97 13.76 -7.84
N ILE A 104 2.81 12.72 -7.03
CA ILE A 104 3.81 11.67 -6.90
C ILE A 104 3.10 10.34 -6.77
N SER A 105 3.66 9.32 -7.40
CA SER A 105 3.09 7.98 -7.29
C SER A 105 3.25 7.48 -5.87
N ALA A 106 2.16 6.93 -5.32
CA ALA A 106 2.27 6.35 -3.98
C ALA A 106 3.24 5.17 -4.01
N ALA A 107 3.09 4.30 -5.02
CA ALA A 107 3.96 3.13 -5.08
C ALA A 107 5.41 3.56 -5.22
N GLU A 108 5.67 4.59 -6.04
CA GLU A 108 7.04 5.05 -6.22
C GLU A 108 7.61 5.54 -4.91
N LEU A 109 6.82 6.33 -4.18
CA LEU A 109 7.26 6.86 -2.89
C LEU A 109 7.57 5.72 -1.92
N ARG A 110 6.72 4.69 -1.90
CA ARG A 110 6.94 3.53 -1.06
C ARG A 110 8.28 2.88 -1.37
N HIS A 111 8.61 2.73 -2.66
CA HIS A 111 9.89 2.13 -3.03
C HIS A 111 11.05 3.01 -2.60
N VAL A 112 10.88 4.33 -2.71
CA VAL A 112 11.96 5.25 -2.31
C VAL A 112 12.28 5.11 -0.83
N MET A 113 11.26 5.19 0.03
CA MET A 113 11.51 5.26 1.46
C MET A 113 12.02 3.94 2.01
N THR A 114 11.39 2.83 1.62
CA THR A 114 11.75 1.53 2.19
C THR A 114 13.15 1.10 1.77
N ASN A 115 13.52 1.32 0.51
CA ASN A 115 14.75 0.74 0.01
C ASN A 115 15.84 1.77 -0.23
N LEU A 116 15.50 3.04 -0.33
CA LEU A 116 16.48 4.07 -0.55
C LEU A 116 16.48 5.01 0.65
N GLY A 117 17.65 5.60 0.92
CA GLY A 117 17.74 6.56 1.99
C GLY A 117 17.54 5.88 3.34
N GLU A 118 16.97 6.63 4.27
CA GLU A 118 16.67 6.10 5.60
C GLU A 118 15.61 5.03 5.51
N LYS A 119 16.02 3.78 5.70
CA LYS A 119 15.11 2.66 5.51
C LYS A 119 13.96 2.76 6.51
N LEU A 120 12.77 3.13 6.04
CA LEU A 120 11.56 3.01 6.82
C LEU A 120 11.01 1.58 6.79
N THR A 121 10.54 1.13 7.94
CA THR A 121 9.93 -0.18 8.08
C THR A 121 8.63 -0.26 7.31
N ASP A 122 8.19 -1.50 7.07
CA ASP A 122 6.88 -1.68 6.45
C ASP A 122 5.78 -1.14 7.35
N GLU A 123 5.99 -1.17 8.65
CA GLU A 123 5.09 -0.48 9.57
C GLU A 123 5.10 1.02 9.29
N GLU A 124 6.29 1.61 9.24
CA GLU A 124 6.38 3.07 9.19
C GLU A 124 5.78 3.62 7.91
N VAL A 125 6.04 2.98 6.78
CA VAL A 125 5.48 3.53 5.56
C VAL A 125 3.98 3.23 5.56
N ASP A 126 3.57 2.13 6.17
CA ASP A 126 2.15 1.82 6.24
C ASP A 126 1.41 2.88 7.03
N GLU A 127 2.03 3.40 8.10
CA GLU A 127 1.39 4.47 8.86
C GLU A 127 1.37 5.77 8.07
N MET A 128 2.47 6.07 7.39
CA MET A 128 2.49 7.25 6.53
C MET A 128 1.42 7.12 5.47
N ILE A 129 1.34 5.94 4.85
CA ILE A 129 0.39 5.64 3.80
C ILE A 129 -0.99 5.28 4.33
N ARG A 130 -1.11 4.99 5.63
CA ARG A 130 -2.41 4.61 6.21
C ARG A 130 -3.44 5.71 5.98
N GLU A 131 -3.13 6.94 6.39
CA GLU A 131 -4.04 8.04 6.08
C GLU A 131 -4.02 8.33 4.59
N ALA A 132 -2.84 8.23 3.96
CA ALA A 132 -2.73 8.37 2.52
C ALA A 132 -3.65 7.41 1.78
N ASP A 133 -4.01 6.30 2.42
CA ASP A 133 -4.87 5.32 1.77
C ASP A 133 -6.18 5.95 1.30
N ILE A 134 -6.69 6.89 2.09
CA ILE A 134 -7.87 7.65 1.65
C ILE A 134 -7.57 8.38 0.34
N ASP A 135 -6.35 8.89 0.21
CA ASP A 135 -5.91 9.55 -1.01
C ASP A 135 -5.70 8.59 -2.17
N GLY A 136 -5.15 7.41 -1.90
CA GLY A 136 -4.64 6.55 -2.94
C GLY A 136 -5.47 6.40 -4.20
N ASP A 137 -4.89 6.79 -5.33
CA ASP A 137 -5.40 6.54 -6.68
C ASP A 137 -4.40 5.73 -7.47
N GLY A 138 -3.41 5.18 -6.78
CA GLY A 138 -2.24 4.56 -7.37
C GLY A 138 -1.13 5.59 -7.23
N GLN A 139 -1.47 6.82 -7.61
CA GLN A 139 -0.66 8.00 -7.42
C GLN A 139 -1.36 8.91 -6.43
N VAL A 140 -0.59 9.75 -5.73
CA VAL A 140 -1.17 10.66 -4.74
C VAL A 140 -0.45 12.00 -4.75
N ASN A 141 -1.23 13.07 -4.55
CA ASN A 141 -0.72 14.42 -4.41
C ASN A 141 0.00 14.53 -3.08
N TYR A 142 1.04 15.34 -3.05
CA TYR A 142 1.76 15.46 -1.79
C TYR A 142 1.22 16.60 -0.93
N GLU A 143 0.34 17.44 -1.47
CA GLU A 143 -0.14 18.57 -0.69
C GLU A 143 -0.95 18.11 0.51
N GLU A 144 -1.64 16.96 0.39
CA GLU A 144 -2.31 16.40 1.56
C GLU A 144 -1.29 15.97 2.60
N PHE A 145 -0.11 15.54 2.16
CA PHE A 145 0.94 15.12 3.08
C PHE A 145 1.61 16.33 3.73
N VAL A 146 1.95 17.33 2.92
CA VAL A 146 2.61 18.52 3.48
C VAL A 146 1.73 19.11 4.56
N GLN A 147 0.42 19.08 4.37
CA GLN A 147 -0.46 19.61 5.40
C GLN A 147 -0.52 18.69 6.61
N MET A 148 -0.65 17.38 6.38
CA MET A 148 -0.71 16.44 7.49
C MET A 148 0.60 16.42 8.28
N MET A 149 1.74 16.40 7.59
CA MET A 149 3.02 16.35 8.29
C MET A 149 3.29 17.60 9.13
N THR A 150 2.98 18.78 8.59
CA THR A 150 3.20 20.03 9.34
C THR A 150 2.32 20.16 10.58
N ALA A 151 1.06 19.72 10.50
CA ALA A 151 0.16 19.85 11.64
C ALA A 151 0.66 19.07 12.84
N LYS A 152 0.46 19.64 14.02
CA LYS A 152 0.89 19.02 15.27
C LYS A 152 -0.22 18.16 15.88
N GLY B 3 22.83 16.19 -9.74
CA GLY B 3 21.45 15.95 -9.38
C GLY B 3 21.25 14.84 -8.35
N SER B 4 22.30 14.04 -8.13
CA SER B 4 22.15 12.82 -7.35
C SER B 4 22.18 13.06 -5.84
N ARG B 5 23.03 13.98 -5.37
CA ARG B 5 23.15 14.24 -3.93
C ARG B 5 21.94 14.97 -3.37
N HIS B 6 21.39 15.92 -4.13
CA HIS B 6 20.18 16.63 -3.69
C HIS B 6 18.98 15.71 -3.62
N ARG B 7 18.95 14.67 -4.48
CA ARG B 7 17.90 13.67 -4.37
C ARG B 7 18.05 12.85 -3.09
N LEU B 8 19.28 12.57 -2.67
CA LEU B 8 19.45 11.85 -1.40
C LEU B 8 19.13 12.77 -0.23
N TRP B 9 19.44 14.06 -0.36
CA TRP B 9 18.97 15.00 0.63
C TRP B 9 17.44 15.02 0.65
N ALA B 10 16.81 14.71 -0.47
CA ALA B 10 15.35 14.74 -0.53
C ALA B 10 14.73 13.48 0.07
N VAL B 11 15.36 12.32 -0.12
CA VAL B 11 14.78 11.12 0.46
C VAL B 11 14.94 11.14 1.96
N ILE B 12 16.06 11.62 2.45
CA ILE B 12 16.24 11.69 3.89
C ILE B 12 15.35 12.77 4.48
N THR B 13 15.15 13.87 3.76
CA THR B 13 14.31 14.95 4.27
C THR B 13 12.87 14.48 4.44
N VAL B 14 12.32 13.84 3.41
CA VAL B 14 10.99 13.30 3.54
C VAL B 14 10.93 12.23 4.61
N GLN B 15 12.00 11.44 4.75
CA GLN B 15 11.98 10.40 5.78
C GLN B 15 11.96 11.00 7.17
N ALA B 16 12.70 12.09 7.38
CA ALA B 16 12.74 12.70 8.71
C ALA B 16 11.40 13.35 9.04
N TYR B 17 10.84 14.09 8.09
CA TYR B 17 9.52 14.70 8.30
C TYR B 17 8.46 13.64 8.46
N ALA B 18 8.65 12.47 7.84
CA ALA B 18 7.73 11.36 8.01
C ALA B 18 7.65 10.94 9.47
N ARG B 19 8.81 10.68 10.07
CA ARG B 19 8.86 10.17 11.43
C ARG B 19 8.24 11.17 12.41
N GLY B 20 8.32 12.46 12.09
CA GLY B 20 7.70 13.46 12.93
C GLY B 20 6.18 13.37 12.93
N MET B 21 5.58 13.15 11.77
CA MET B 21 4.12 13.08 11.70
C MET B 21 3.60 11.84 12.41
N ILE B 22 4.28 10.72 12.20
CA ILE B 22 3.89 9.49 12.87
C ILE B 22 3.89 9.70 14.38
N ALA B 23 4.94 10.33 14.88
CA ALA B 23 5.06 10.56 16.32
C ALA B 23 3.95 11.47 16.81
N ARG B 24 3.63 12.53 16.07
CA ARG B 24 2.59 13.43 16.54
C ARG B 24 1.24 12.74 16.50
N ARG B 25 1.05 11.83 15.54
CA ARG B 25 -0.18 11.05 15.52
C ARG B 25 -0.23 10.21 16.78
N LEU B 26 0.87 9.51 17.06
CA LEU B 26 0.96 8.67 18.24
C LEU B 26 0.75 9.49 19.50
N HIS B 27 1.34 10.67 19.53
CA HIS B 27 1.17 11.55 20.67
C HIS B 27 -0.31 11.82 20.88
N ARG B 28 -1.01 12.18 19.80
CA ARG B 28 -2.44 12.44 19.92
C ARG B 28 -3.15 11.21 20.46
N ARG B 29 -2.72 10.02 20.03
CA ARG B 29 -3.35 8.79 20.50
C ARG B 29 -3.05 8.56 21.98
N LEU B 30 -1.79 8.75 22.38
CA LEU B 30 -1.45 8.59 23.79
C LEU B 30 -2.19 9.61 24.63
N ARG B 31 -2.19 10.86 24.18
CA ARG B 31 -2.83 11.94 24.93
C ARG B 31 -4.32 11.66 25.10
N VAL B 32 -4.98 11.26 24.03
CA VAL B 32 -6.40 10.96 24.13
C VAL B 32 -6.63 9.71 24.98
N GLU B 33 -5.75 8.72 24.86
CA GLU B 33 -5.89 7.53 25.69
C GLU B 33 -5.81 7.88 27.17
N TYR B 34 -4.90 8.80 27.52
CA TYR B 34 -4.74 9.15 28.93
C TYR B 34 -5.97 9.88 29.43
N GLN B 35 -6.42 10.90 28.68
CA GLN B 35 -7.59 11.64 29.10
C GLN B 35 -8.80 10.71 29.21
N ARG B 36 -8.89 9.73 28.31
CA ARG B 36 -9.97 8.76 28.39
C ARG B 36 -9.91 7.97 29.69
N ARG B 37 -8.76 7.35 29.96
CA ARG B 37 -8.65 6.53 31.16
C ARG B 37 -8.80 7.38 32.42
N LEU B 38 -8.49 8.67 32.33
CA LEU B 38 -8.53 9.53 33.50
C LEU B 38 -9.97 9.84 33.91
N GLU B 39 -10.77 10.34 32.96
CA GLU B 39 -12.16 10.64 33.28
C GLU B 39 -12.88 9.39 33.75
N ALA B 40 -12.55 8.24 33.14
CA ALA B 40 -13.12 6.98 33.59
C ALA B 40 -12.64 6.65 34.99
N GLU B 41 -11.39 6.99 35.30
CA GLU B 41 -10.86 6.75 36.63
C GLU B 41 -11.47 7.74 37.61
N ARG B 42 -11.80 8.93 37.11
CA ARG B 42 -12.51 9.92 37.91
C ARG B 42 -13.88 9.37 38.30
N MET B 43 -14.52 8.63 37.39
CA MET B 43 -15.70 7.86 37.77
C MET B 43 -15.33 6.79 38.79
N ARG B 44 -14.24 6.05 38.51
CA ARG B 44 -13.85 4.93 39.37
C ARG B 44 -13.54 5.38 40.79
N LEU B 45 -13.11 6.63 40.98
CA LEU B 45 -12.83 7.08 42.33
C LEU B 45 -14.03 7.76 42.96
N ALA B 46 -14.85 8.43 42.15
CA ALA B 46 -16.02 9.10 42.71
C ALA B 46 -16.97 8.08 43.30
N GLU B 47 -17.12 6.93 42.61
CA GLU B 47 -17.97 5.88 43.13
C GLU B 47 -17.30 5.18 44.29
N GLU B 48 -15.98 5.30 44.42
CA GLU B 48 -15.33 4.81 45.62
C GLU B 48 -15.68 5.70 46.82
N GLU B 49 -15.75 7.02 46.61
CA GLU B 49 -16.12 7.95 47.69
C GLU B 49 -17.59 7.80 48.07
N LYS B 50 -18.45 7.52 47.08
CA LYS B 50 -19.87 7.30 47.33
C LYS B 50 -20.10 6.06 48.17
N LEU B 51 -19.34 5.00 47.91
CA LEU B 51 -19.47 3.77 48.70
C LEU B 51 -19.13 4.04 50.15
N ARG B 52 -18.09 4.84 50.39
CA ARG B 52 -17.74 5.20 51.76
C ARG B 52 -18.90 5.95 52.40
N LYS B 53 -19.55 6.83 51.63
CA LYS B 53 -20.70 7.58 52.14
C LYS B 53 -21.86 6.66 52.50
N GLU B 54 -22.13 5.65 51.67
CA GLU B 54 -23.21 4.71 51.98
C GLU B 54 -22.91 3.94 53.26
N MET B 55 -21.65 3.53 53.43
CA MET B 55 -21.25 2.83 54.64
C MET B 55 -21.41 3.73 55.86
N SER B 56 -21.08 5.02 55.72
CA SER B 56 -21.25 5.94 56.83
C SER B 56 -22.72 6.06 57.23
N ALA B 57 -23.61 6.12 56.24
CA ALA B 57 -25.04 6.19 56.54
C ALA B 57 -25.50 4.92 57.25
N LYS B 58 -25.01 3.76 56.81
CA LYS B 58 -25.38 2.51 57.45
C LYS B 58 -24.89 2.49 58.90
N LYS B 59 -23.67 2.99 59.12
CA LYS B 59 -23.16 3.06 60.48
C LYS B 59 -23.99 4.04 61.30
N ALA B 60 -24.48 5.11 60.67
CA ALA B 60 -25.32 6.06 61.37
C ALA B 60 -26.68 5.46 61.71
N LYS B 61 -27.22 4.63 60.81
CA LYS B 61 -28.47 3.94 61.10
C LYS B 61 -28.29 2.93 62.22
N GLU B 62 -27.20 2.16 62.18
CA GLU B 62 -26.96 1.14 63.20
C GLU B 62 -26.82 1.76 64.59
N GLU B 63 -26.09 2.87 64.68
CA GLU B 63 -25.90 3.55 65.96
C GLU B 63 -27.17 4.24 66.44
N ALA B 64 -28.01 4.71 65.51
CA ALA B 64 -29.27 5.33 65.89
C ALA B 64 -30.16 4.37 66.66
N GLU B 65 -30.33 3.15 66.16
CA GLU B 65 -31.13 2.18 66.88
C GLU B 65 -30.47 1.76 68.19
N ARG B 66 -29.14 1.64 68.20
CA ARG B 66 -28.44 1.27 69.43
C ARG B 66 -28.61 2.33 70.51
N LYS B 67 -28.37 3.60 70.16
CA LYS B 67 -28.49 4.67 71.14
C LYS B 67 -29.94 4.90 71.55
N HIS B 68 -30.85 4.85 70.58
CA HIS B 68 -32.27 4.95 70.87
C HIS B 68 -32.72 3.85 71.82
N GLN B 69 -32.30 2.61 71.57
CA GLN B 69 -32.69 1.52 72.47
C GLN B 69 -32.06 1.66 73.85
N GLU B 70 -30.82 2.15 73.90
CA GLU B 70 -30.17 2.38 75.19
C GLU B 70 -30.93 3.39 76.03
N ARG B 71 -31.45 4.45 75.40
CA ARG B 71 -32.25 5.43 76.13
C ARG B 71 -33.56 4.84 76.63
N LEU B 72 -34.16 3.93 75.85
CA LEU B 72 -35.39 3.28 76.30
C LEU B 72 -35.15 2.34 77.48
N ALA B 73 -33.92 1.82 77.63
CA ALA B 73 -33.62 1.01 78.79
C ALA B 73 -33.84 1.79 80.08
N GLN B 74 -33.40 3.06 80.10
CA GLN B 74 -33.61 3.91 81.27
C GLN B 74 -35.10 4.18 81.50
N LEU B 75 -35.84 4.49 80.43
CA LEU B 75 -37.25 4.84 80.58
C LEU B 75 -38.11 3.62 80.92
N ALA B 76 -37.70 2.41 80.52
CA ALA B 76 -38.42 1.22 80.97
C ALA B 76 -38.17 0.95 82.45
N ARG B 77 -36.95 1.24 82.92
CA ARG B 77 -36.64 1.13 84.33
C ARG B 77 -37.57 2.05 85.13
N GLU B 78 -37.73 3.28 84.64
CA GLU B 78 -38.56 4.28 85.30
C GLU B 78 -39.98 3.75 85.48
N ASP B 79 -40.56 3.15 84.44
CA ASP B 79 -41.95 2.71 84.50
C ASP B 79 -42.13 1.52 85.45
N ALA B 80 -41.17 0.59 85.45
CA ALA B 80 -41.27 -0.55 86.37
C ALA B 80 -41.08 -0.09 87.80
N GLU B 81 -40.18 0.87 88.02
CA GLU B 81 -39.97 1.44 89.34
C GLU B 81 -41.22 2.13 89.85
N ARG B 82 -41.91 2.86 88.97
CA ARG B 82 -43.17 3.49 89.36
C ARG B 82 -44.22 2.47 89.70
N GLU B 83 -44.21 1.32 89.01
CA GLU B 83 -45.18 0.26 89.31
C GLU B 83 -45.04 -0.26 90.75
N LEU B 84 -43.80 -0.46 91.21
CA LEU B 84 -43.61 -0.98 92.57
C LEU B 84 -43.89 0.10 93.61
N LYS B 85 -43.42 1.33 93.36
CA LYS B 85 -43.68 2.42 94.30
C LYS B 85 -45.17 2.60 94.48
N GLU B 86 -45.95 2.45 93.41
CA GLU B 86 -47.40 2.50 93.52
C GLU B 86 -47.91 1.32 94.33
N LYS B 87 -47.24 0.17 94.22
CA LYS B 87 -47.59 -0.99 95.04
C LYS B 87 -47.21 -0.76 96.50
N GLU B 88 -46.08 -0.09 96.73
CA GLU B 88 -45.71 0.25 98.11
C GLU B 88 -46.65 1.30 98.67
N GLU B 89 -47.10 2.23 97.82
CA GLU B 89 -48.11 3.18 98.25
C GLU B 89 -49.44 2.50 98.50
N ALA B 90 -49.70 1.39 97.80
CA ALA B 90 -50.90 0.60 98.07
C ALA B 90 -50.77 -0.17 99.37
N ARG B 91 -49.57 -0.27 99.93
CA ARG B 91 -49.40 -0.97 101.21
C ARG B 91 -49.80 -0.07 102.38
N ARG B 92 -49.58 1.23 102.27
CA ARG B 92 -49.88 2.16 103.35
C ARG B 92 -50.96 3.16 102.94
N LEU C 8 -2.59 -33.47 -27.10
CA LEU C 8 -2.81 -32.04 -27.25
C LEU C 8 -3.39 -31.74 -28.63
N THR C 9 -4.63 -31.24 -28.69
CA THR C 9 -5.17 -30.90 -30.00
C THR C 9 -4.45 -29.72 -30.62
N GLU C 10 -4.59 -29.63 -31.94
CA GLU C 10 -4.05 -28.48 -32.66
C GLU C 10 -4.65 -27.19 -32.12
N GLU C 11 -5.89 -27.24 -31.66
CA GLU C 11 -6.51 -26.07 -31.03
C GLU C 11 -5.77 -25.70 -29.76
N GLN C 12 -5.43 -26.69 -28.94
CA GLN C 12 -4.73 -26.41 -27.70
C GLN C 12 -3.32 -25.92 -27.98
N ILE C 13 -2.63 -26.59 -28.91
CA ILE C 13 -1.29 -26.20 -29.29
C ILE C 13 -1.29 -24.80 -29.85
N ALA C 14 -2.36 -24.44 -30.56
CA ALA C 14 -2.46 -23.11 -31.13
C ALA C 14 -2.47 -22.06 -30.03
N GLU C 15 -3.24 -22.30 -28.96
CA GLU C 15 -3.25 -21.37 -27.84
C GLU C 15 -1.84 -21.22 -27.28
N PHE C 16 -1.09 -22.31 -27.25
CA PHE C 16 0.25 -22.27 -26.68
C PHE C 16 1.19 -21.50 -27.58
N LYS C 17 1.08 -21.71 -28.89
CA LYS C 17 1.93 -20.97 -29.81
C LYS C 17 1.64 -19.48 -29.71
N GLU C 18 0.38 -19.12 -29.54
CA GLU C 18 0.02 -17.71 -29.39
C GLU C 18 0.71 -17.11 -28.17
N ALA C 19 0.55 -17.75 -27.00
CA ALA C 19 1.22 -17.22 -25.82
C ALA C 19 2.72 -17.17 -26.06
N PHE C 20 3.31 -18.30 -26.46
CA PHE C 20 4.74 -18.42 -26.67
C PHE C 20 5.26 -17.29 -27.55
N SER C 21 4.55 -17.01 -28.64
CA SER C 21 5.00 -16.00 -29.58
C SER C 21 4.98 -14.62 -28.94
N LEU C 22 4.05 -14.38 -28.02
CA LEU C 22 3.96 -13.08 -27.36
C LEU C 22 5.15 -12.83 -26.46
N PHE C 23 5.87 -13.88 -26.06
CA PHE C 23 6.98 -13.75 -25.13
C PHE C 23 8.32 -14.04 -25.81
N ASP C 24 8.38 -13.92 -27.13
CA ASP C 24 9.63 -13.97 -27.88
C ASP C 24 9.82 -12.60 -28.51
N LYS C 25 10.60 -11.76 -27.83
CA LYS C 25 10.91 -10.45 -28.40
C LYS C 25 11.91 -10.57 -29.55
N ASP C 26 12.79 -11.56 -29.49
CA ASP C 26 13.75 -11.76 -30.58
C ASP C 26 13.04 -11.98 -31.90
N GLY C 27 11.83 -12.54 -31.86
CA GLY C 27 11.24 -13.07 -33.07
C GLY C 27 12.05 -14.18 -33.69
N ASP C 28 12.86 -14.88 -32.88
CA ASP C 28 13.82 -15.87 -33.35
C ASP C 28 13.42 -17.30 -33.01
N GLY C 29 12.18 -17.51 -32.59
CA GLY C 29 11.75 -18.85 -32.23
C GLY C 29 12.20 -19.27 -30.85
N THR C 30 12.74 -18.33 -30.07
CA THR C 30 13.33 -18.65 -28.78
C THR C 30 12.86 -17.70 -27.70
N ILE C 31 12.54 -18.25 -26.53
CA ILE C 31 12.33 -17.49 -25.31
C ILE C 31 13.45 -17.84 -24.35
N THR C 32 13.74 -16.92 -23.43
CA THR C 32 14.78 -17.19 -22.45
C THR C 32 14.26 -18.19 -21.43
N THR C 33 15.17 -18.68 -20.58
CA THR C 33 14.76 -19.60 -19.54
C THR C 33 13.88 -18.88 -18.52
N LYS C 34 14.21 -17.61 -18.22
CA LYS C 34 13.45 -16.84 -17.25
C LYS C 34 12.01 -16.68 -17.68
N GLU C 35 11.79 -16.44 -18.97
CA GLU C 35 10.44 -16.22 -19.47
C GLU C 35 9.58 -17.47 -19.38
N LEU C 36 10.20 -18.67 -19.41
CA LEU C 36 9.44 -19.91 -19.38
C LEU C 36 8.39 -19.86 -18.29
N GLY C 37 8.78 -19.39 -17.10
CA GLY C 37 7.82 -19.27 -16.02
C GLY C 37 6.64 -18.42 -16.44
N THR C 38 6.92 -17.23 -16.95
CA THR C 38 5.84 -16.30 -17.27
C THR C 38 4.93 -16.87 -18.34
N VAL C 39 5.47 -17.62 -19.31
CA VAL C 39 4.63 -18.16 -20.36
C VAL C 39 3.78 -19.30 -19.83
N MET C 40 4.36 -20.14 -18.98
CA MET C 40 3.58 -21.22 -18.40
C MET C 40 2.48 -20.66 -17.54
N ARG C 41 2.81 -19.65 -16.73
CA ARG C 41 1.82 -18.98 -15.91
C ARG C 41 0.74 -18.39 -16.80
N SER C 42 1.16 -17.79 -17.92
CA SER C 42 0.24 -17.14 -18.85
C SER C 42 -0.76 -18.10 -19.48
N LEU C 43 -0.46 -19.40 -19.52
CA LEU C 43 -1.36 -20.36 -20.13
C LEU C 43 -2.20 -21.11 -19.11
N GLY C 44 -2.45 -20.49 -17.96
CA GLY C 44 -3.36 -21.02 -16.97
C GLY C 44 -2.71 -21.90 -15.92
N GLN C 45 -1.43 -22.22 -16.10
CA GLN C 45 -0.74 -23.06 -15.14
C GLN C 45 -0.29 -22.25 -13.94
N ASN C 46 -0.10 -22.96 -12.82
CA ASN C 46 0.35 -22.35 -11.57
C ASN C 46 1.34 -23.27 -10.86
N PRO C 47 2.59 -23.35 -11.36
CA PRO C 47 3.60 -24.17 -10.68
C PRO C 47 4.45 -23.32 -9.75
N THR C 48 5.13 -23.92 -8.79
CA THR C 48 5.95 -23.18 -7.85
C THR C 48 7.30 -22.83 -8.47
N GLU C 49 7.96 -21.82 -7.89
CA GLU C 49 9.30 -21.48 -8.38
C GLU C 49 10.30 -22.58 -8.04
N ALA C 50 9.99 -23.40 -7.05
CA ALA C 50 10.74 -24.63 -6.85
C ALA C 50 10.62 -25.52 -8.08
N GLU C 51 9.37 -25.82 -8.47
CA GLU C 51 9.15 -26.68 -9.63
C GLU C 51 9.75 -26.06 -10.88
N LEU C 52 9.72 -24.73 -10.99
CA LEU C 52 10.38 -24.10 -12.13
C LEU C 52 11.87 -24.38 -12.08
N GLN C 53 12.49 -24.19 -10.92
CA GLN C 53 13.92 -24.45 -10.81
C GLN C 53 14.24 -25.90 -11.19
N ASP C 54 13.38 -26.84 -10.78
CA ASP C 54 13.55 -28.22 -11.24
C ASP C 54 13.42 -28.31 -12.75
N MET C 55 12.37 -27.70 -13.31
CA MET C 55 12.13 -27.80 -14.74
C MET C 55 13.19 -27.07 -15.56
N ILE C 56 13.76 -25.99 -15.01
CA ILE C 56 14.82 -25.31 -15.75
C ILE C 56 16.16 -25.98 -15.52
N ASN C 57 16.33 -26.65 -14.39
CA ASN C 57 17.53 -27.46 -14.18
C ASN C 57 17.52 -28.69 -15.07
N GLU C 58 16.33 -29.18 -15.42
CA GLU C 58 16.24 -30.31 -16.34
C GLU C 58 16.61 -29.91 -17.76
N VAL C 59 16.50 -28.63 -18.10
CA VAL C 59 16.91 -28.16 -19.40
C VAL C 59 17.45 -26.73 -19.31
N ASN C 64 24.15 -20.06 -23.56
CA ASN C 64 22.98 -20.18 -24.42
C ASN C 64 21.83 -20.85 -23.67
N GLY C 65 20.94 -20.03 -23.11
CA GLY C 65 19.76 -20.53 -22.44
C GLY C 65 18.50 -20.12 -23.17
N THR C 66 17.72 -21.09 -23.62
CA THR C 66 16.51 -20.82 -24.40
C THR C 66 15.68 -22.09 -24.51
N ILE C 67 14.48 -21.93 -25.07
CA ILE C 67 13.58 -23.04 -25.35
C ILE C 67 13.06 -22.89 -26.77
N ASP C 68 12.89 -24.02 -27.47
CA ASP C 68 12.11 -24.05 -28.70
C ASP C 68 10.72 -24.56 -28.37
N PHE C 69 9.79 -24.40 -29.32
CA PHE C 69 8.41 -24.70 -29.00
C PHE C 69 8.17 -26.16 -28.60
N PRO C 70 8.82 -27.16 -29.22
CA PRO C 70 8.57 -28.54 -28.76
C PRO C 70 8.97 -28.79 -27.32
N GLU C 71 10.11 -28.25 -26.90
CA GLU C 71 10.52 -28.38 -25.51
C GLU C 71 9.46 -27.82 -24.58
N PHE C 72 8.92 -26.64 -24.92
CA PHE C 72 7.91 -26.04 -24.08
C PHE C 72 6.65 -26.89 -24.05
N LEU C 73 6.30 -27.50 -25.18
CA LEU C 73 5.11 -28.33 -25.25
C LEU C 73 5.25 -29.56 -24.38
N THR C 74 6.45 -30.12 -24.33
CA THR C 74 6.67 -31.28 -23.49
C THR C 74 6.59 -30.89 -22.02
N MET C 75 6.90 -29.63 -21.70
CA MET C 75 6.76 -29.15 -20.33
C MET C 75 5.31 -28.88 -19.98
N MET C 76 4.49 -28.50 -20.97
CA MET C 76 3.08 -28.23 -20.69
C MET C 76 2.28 -29.51 -20.57
N ALA C 77 2.80 -30.62 -21.09
CA ALA C 77 2.18 -31.91 -20.86
C ALA C 77 2.66 -32.49 -19.55
N ARG C 78 3.94 -32.34 -19.25
CA ARG C 78 4.49 -32.81 -17.98
C ARG C 78 3.80 -32.08 -16.84
N LYS C 79 3.91 -30.76 -16.82
CA LYS C 79 3.21 -29.95 -15.83
C LYS C 79 1.78 -29.70 -16.31
N MET C 80 0.82 -29.97 -15.43
CA MET C 80 -0.60 -29.76 -15.72
C MET C 80 -1.46 -29.99 -14.49
N LYS C 81 -2.63 -30.61 -14.68
CA LYS C 81 -3.49 -31.08 -13.58
C LYS C 81 -4.12 -29.90 -12.84
N ASP C 84 -5.81 -28.65 -7.98
CA ASP C 84 -7.13 -28.05 -7.78
C ASP C 84 -7.13 -26.60 -8.25
N SER C 85 -8.28 -26.13 -8.73
CA SER C 85 -8.34 -24.78 -9.28
C SER C 85 -8.50 -23.72 -8.19
N GLU C 86 -9.71 -23.60 -7.65
CA GLU C 86 -9.99 -22.58 -6.66
C GLU C 86 -9.88 -23.06 -5.22
N GLU C 87 -9.93 -24.37 -4.99
CA GLU C 87 -9.94 -24.86 -3.61
C GLU C 87 -8.56 -24.81 -2.97
N GLU C 88 -7.50 -25.05 -3.74
CA GLU C 88 -6.17 -25.04 -3.15
C GLU C 88 -5.80 -23.63 -2.74
N ILE C 89 -6.16 -22.65 -3.58
CA ILE C 89 -5.92 -21.26 -3.24
C ILE C 89 -6.95 -20.71 -2.26
N ARG C 90 -8.19 -21.20 -2.30
CA ARG C 90 -9.13 -20.80 -1.26
C ARG C 90 -8.63 -21.32 0.08
N GLU C 91 -8.18 -22.57 0.11
CA GLU C 91 -7.65 -23.15 1.33
C GLU C 91 -6.33 -22.48 1.71
N ALA C 92 -5.54 -22.06 0.73
CA ALA C 92 -4.33 -21.33 1.05
C ALA C 92 -4.66 -20.02 1.75
N PHE C 93 -5.73 -19.36 1.33
CA PHE C 93 -6.14 -18.12 1.99
C PHE C 93 -6.76 -18.39 3.35
N ARG C 94 -7.40 -19.56 3.50
CA ARG C 94 -8.01 -19.98 4.76
C ARG C 94 -6.99 -20.21 5.87
N VAL C 95 -5.77 -20.63 5.54
CA VAL C 95 -4.81 -20.94 6.59
C VAL C 95 -4.26 -19.72 7.33
N PHE C 96 -4.31 -18.52 6.76
CA PHE C 96 -3.91 -17.37 7.55
C PHE C 96 -5.04 -16.65 8.25
N ASP C 97 -6.26 -16.62 7.69
CA ASP C 97 -7.32 -15.89 8.36
C ASP C 97 -7.68 -16.62 9.65
N LYS C 98 -6.85 -16.35 10.66
CA LYS C 98 -7.12 -16.88 11.99
C LYS C 98 -8.49 -16.40 12.46
N ASP C 99 -8.86 -15.18 12.06
CA ASP C 99 -10.14 -14.63 12.49
C ASP C 99 -11.28 -15.32 11.79
N GLY C 100 -11.02 -15.85 10.60
CA GLY C 100 -12.08 -16.43 9.81
C GLY C 100 -13.06 -15.34 9.43
N ASN C 101 -12.68 -14.08 9.65
CA ASN C 101 -13.61 -13.00 9.41
C ASN C 101 -13.87 -12.79 7.93
N GLY C 102 -12.97 -13.27 7.07
CA GLY C 102 -13.10 -13.10 5.64
C GLY C 102 -12.33 -11.92 5.09
N TYR C 103 -11.57 -11.23 5.94
CA TYR C 103 -10.78 -10.08 5.53
C TYR C 103 -9.35 -10.25 6.01
N ILE C 104 -8.43 -9.59 5.32
CA ILE C 104 -7.02 -9.66 5.66
C ILE C 104 -6.37 -8.31 5.40
N SER C 105 -5.45 -7.92 6.29
CA SER C 105 -4.77 -6.63 6.16
C SER C 105 -3.82 -6.59 4.98
N ALA C 106 -3.91 -5.49 4.21
CA ALA C 106 -2.98 -5.32 3.10
C ALA C 106 -1.56 -5.12 3.60
N ALA C 107 -1.36 -4.24 4.58
CA ALA C 107 -0.01 -3.92 5.03
C ALA C 107 0.69 -5.17 5.54
N GLU C 108 -0.04 -6.02 6.27
CA GLU C 108 0.58 -7.23 6.78
C GLU C 108 1.03 -8.10 5.61
N LEU C 109 0.13 -8.28 4.63
CA LEU C 109 0.47 -9.08 3.46
C LEU C 109 1.63 -8.51 2.67
N ARG C 110 1.63 -7.19 2.44
CA ARG C 110 2.75 -6.57 1.74
C ARG C 110 4.05 -6.88 2.46
N HIS C 111 4.04 -6.78 3.79
CA HIS C 111 5.25 -7.08 4.56
C HIS C 111 5.62 -8.54 4.42
N VAL C 112 4.62 -9.42 4.37
CA VAL C 112 4.90 -10.83 4.19
C VAL C 112 5.58 -11.06 2.85
N MET C 113 5.01 -10.51 1.79
CA MET C 113 5.51 -10.78 0.44
C MET C 113 6.85 -10.09 0.22
N THR C 114 6.98 -8.84 0.64
CA THR C 114 8.21 -8.08 0.40
C THR C 114 9.37 -8.70 1.15
N ASN C 115 9.15 -9.10 2.40
CA ASN C 115 10.25 -9.48 3.27
C ASN C 115 10.30 -10.94 3.66
N LEU C 116 9.23 -11.70 3.49
CA LEU C 116 9.23 -13.10 3.88
C LEU C 116 8.97 -14.04 2.71
N GLY C 117 9.51 -15.25 2.81
CA GLY C 117 9.28 -16.31 1.86
C GLY C 117 9.93 -16.05 0.50
N GLU C 118 9.30 -16.61 -0.54
CA GLU C 118 9.79 -16.37 -1.89
C GLU C 118 9.63 -14.88 -2.14
N LYS C 119 10.76 -14.17 -2.12
CA LYS C 119 10.71 -12.73 -2.09
C LYS C 119 10.00 -12.20 -3.33
N LEU C 120 8.78 -11.73 -3.17
CA LEU C 120 8.19 -10.93 -4.22
C LEU C 120 8.78 -9.53 -4.12
N THR C 121 9.15 -8.99 -5.28
CA THR C 121 9.59 -7.63 -5.20
C THR C 121 8.41 -6.75 -4.87
N ASP C 122 8.71 -5.53 -4.45
CA ASP C 122 7.64 -4.60 -4.17
C ASP C 122 6.84 -4.32 -5.43
N GLU C 123 7.51 -4.33 -6.60
CA GLU C 123 6.79 -4.14 -7.85
C GLU C 123 5.75 -5.25 -8.03
N GLU C 124 6.15 -6.50 -7.79
CA GLU C 124 5.23 -7.61 -8.02
C GLU C 124 4.03 -7.48 -7.11
N VAL C 125 4.28 -7.31 -5.81
CA VAL C 125 3.18 -7.27 -4.86
C VAL C 125 2.41 -5.97 -5.05
N ASP C 126 3.08 -4.92 -5.51
CA ASP C 126 2.37 -3.67 -5.74
C ASP C 126 1.30 -3.89 -6.78
N GLU C 127 1.64 -4.64 -7.84
CA GLU C 127 0.66 -5.01 -8.86
C GLU C 127 -0.40 -5.92 -8.26
N MET C 128 0.02 -6.88 -7.45
CA MET C 128 -0.91 -7.80 -6.81
C MET C 128 -1.94 -7.06 -5.99
N ILE C 129 -1.48 -6.14 -5.14
CA ILE C 129 -2.35 -5.40 -4.25
C ILE C 129 -3.14 -4.32 -4.98
N ARG C 130 -2.55 -3.73 -6.03
CA ARG C 130 -3.18 -2.59 -6.71
C ARG C 130 -4.58 -2.91 -7.21
N GLU C 131 -4.76 -4.06 -7.85
CA GLU C 131 -6.04 -4.34 -8.51
C GLU C 131 -7.19 -4.59 -7.54
N ALA C 132 -6.95 -4.57 -6.22
CA ALA C 132 -7.98 -4.93 -5.25
C ALA C 132 -8.52 -3.70 -4.53
N ASP C 137 -11.38 -0.67 5.49
CA ASP C 137 -11.09 -0.77 6.91
C ASP C 137 -9.65 -1.24 7.14
N GLY C 138 -8.86 -1.24 6.08
CA GLY C 138 -7.52 -1.78 6.16
C GLY C 138 -7.43 -3.21 5.69
N GLN C 139 -8.45 -4.01 5.97
CA GLN C 139 -8.47 -5.39 5.51
C GLN C 139 -9.31 -5.51 4.24
N VAL C 140 -8.95 -6.47 3.39
CA VAL C 140 -9.67 -6.73 2.15
C VAL C 140 -9.89 -8.23 1.97
N ASN C 141 -11.00 -8.58 1.31
CA ASN C 141 -11.37 -9.96 1.05
C ASN C 141 -10.41 -10.68 0.13
N TYR C 142 -10.26 -11.99 0.40
CA TYR C 142 -9.42 -12.85 -0.40
C TYR C 142 -10.23 -13.58 -1.47
N GLU C 143 -11.56 -13.61 -1.30
CA GLU C 143 -12.37 -14.29 -2.30
C GLU C 143 -12.37 -13.50 -3.59
N GLU C 144 -12.14 -12.20 -3.50
CA GLU C 144 -11.95 -11.44 -4.71
C GLU C 144 -10.66 -11.90 -5.39
N PHE C 145 -9.63 -12.18 -4.58
CA PHE C 145 -8.36 -12.65 -5.12
C PHE C 145 -8.46 -14.01 -5.79
N VAL C 146 -9.19 -14.95 -5.21
CA VAL C 146 -9.26 -16.28 -5.82
C VAL C 146 -9.85 -16.17 -7.21
N GLN C 147 -10.90 -15.35 -7.36
CA GLN C 147 -11.51 -15.17 -8.68
C GLN C 147 -10.53 -14.56 -9.67
N MET C 148 -9.78 -13.53 -9.24
CA MET C 148 -8.82 -12.90 -10.14
C MET C 148 -7.74 -13.88 -10.58
N MET C 149 -7.23 -14.66 -9.63
CA MET C 149 -6.17 -15.62 -9.92
C MET C 149 -6.59 -16.71 -10.90
N THR C 150 -7.83 -17.22 -10.77
CA THR C 150 -8.29 -18.27 -11.69
C THR C 150 -8.42 -17.78 -13.13
N ALA C 151 -8.92 -16.56 -13.33
CA ALA C 151 -9.11 -16.03 -14.68
C ALA C 151 -7.83 -16.05 -15.51
N GLY D 1 8.18 -26.87 12.78
CA GLY D 1 7.00 -27.57 13.25
C GLY D 1 6.01 -27.95 12.18
N PRO D 2 5.24 -29.02 12.42
CA PRO D 2 4.26 -29.44 11.41
C PRO D 2 3.19 -28.41 11.13
N GLY D 3 2.60 -27.78 12.16
CA GLY D 3 1.66 -26.73 11.81
C GLY D 3 2.35 -25.55 11.14
N SER D 4 3.67 -25.48 11.27
CA SER D 4 4.38 -24.30 10.81
C SER D 4 4.65 -24.44 9.32
N ARG D 5 4.98 -25.68 8.91
CA ARG D 5 5.28 -25.99 7.52
C ARG D 5 4.03 -25.99 6.65
N HIS D 6 2.91 -26.47 7.19
CA HIS D 6 1.65 -26.45 6.47
C HIS D 6 1.17 -25.02 6.26
N ARG D 7 1.51 -24.13 7.21
CA ARG D 7 1.25 -22.71 6.99
C ARG D 7 2.16 -22.17 5.90
N LEU D 8 3.40 -22.67 5.82
CA LEU D 8 4.29 -22.23 4.75
C LEU D 8 3.88 -22.80 3.40
N TRP D 9 3.35 -24.02 3.37
CA TRP D 9 2.77 -24.57 2.15
C TRP D 9 1.63 -23.71 1.61
N ALA D 10 0.92 -23.00 2.50
CA ALA D 10 -0.17 -22.14 2.05
C ALA D 10 0.31 -20.76 1.61
N VAL D 11 1.33 -20.20 2.28
CA VAL D 11 1.84 -18.88 1.92
C VAL D 11 2.60 -18.94 0.61
N ILE D 12 3.32 -20.03 0.38
CA ILE D 12 4.03 -20.16 -0.88
C ILE D 12 2.99 -20.36 -1.97
N THR D 13 1.88 -21.03 -1.63
CA THR D 13 0.82 -21.23 -2.60
C THR D 13 0.25 -19.89 -3.04
N VAL D 14 -0.06 -19.04 -2.07
CA VAL D 14 -0.55 -17.69 -2.40
C VAL D 14 0.52 -16.90 -3.14
N GLN D 15 1.80 -17.10 -2.80
CA GLN D 15 2.85 -16.36 -3.48
C GLN D 15 2.96 -16.76 -4.94
N ALA D 16 2.83 -18.07 -5.22
CA ALA D 16 2.95 -18.57 -6.58
C ALA D 16 1.76 -18.16 -7.44
N TYR D 17 0.55 -18.28 -6.90
CA TYR D 17 -0.62 -17.85 -7.65
C TYR D 17 -0.55 -16.35 -7.93
N ALA D 18 0.10 -15.58 -7.06
CA ALA D 18 0.26 -14.17 -7.35
C ALA D 18 1.05 -13.95 -8.64
N ARG D 19 2.25 -14.53 -8.74
CA ARG D 19 3.06 -14.28 -9.93
C ARG D 19 2.37 -14.82 -11.16
N GLY D 20 1.56 -15.88 -10.98
CA GLY D 20 0.79 -16.42 -12.08
C GLY D 20 -0.26 -15.43 -12.52
N MET D 21 -0.88 -14.78 -11.56
CA MET D 21 -1.92 -13.83 -11.91
C MET D 21 -1.29 -12.64 -12.60
N ILE D 22 -0.15 -12.20 -12.08
CA ILE D 22 0.56 -11.08 -12.70
C ILE D 22 0.83 -11.44 -14.15
N ALA D 23 1.32 -12.64 -14.38
CA ALA D 23 1.67 -13.09 -15.72
C ALA D 23 0.42 -13.17 -16.60
N ARG D 24 -0.69 -13.67 -16.05
CA ARG D 24 -1.88 -13.80 -16.88
C ARG D 24 -2.44 -12.43 -17.24
N ARG D 25 -2.28 -11.45 -16.36
CA ARG D 25 -2.69 -10.10 -16.69
C ARG D 25 -1.85 -9.57 -17.85
N LEU D 26 -0.53 -9.73 -17.74
CA LEU D 26 0.36 -9.27 -18.79
C LEU D 26 0.06 -9.91 -20.11
N HIS D 27 -0.21 -11.21 -20.11
CA HIS D 27 -0.53 -11.89 -21.34
C HIS D 27 -1.73 -11.25 -22.03
N ARG D 28 -2.82 -11.04 -21.28
CA ARG D 28 -4.00 -10.41 -21.87
C ARG D 28 -3.68 -9.01 -22.40
N ARG D 29 -2.82 -8.28 -21.68
CA ARG D 29 -2.45 -6.94 -22.10
C ARG D 29 -1.62 -6.97 -23.38
N LEU D 30 -0.68 -7.90 -23.47
CA LEU D 30 0.12 -8.03 -24.69
C LEU D 30 -0.79 -8.36 -25.86
N ARG D 31 -1.72 -9.28 -25.65
CA ARG D 31 -2.63 -9.70 -26.71
C ARG D 31 -3.43 -8.50 -27.19
N VAL D 32 -3.93 -7.70 -26.26
CA VAL D 32 -4.71 -6.52 -26.65
C VAL D 32 -3.82 -5.50 -27.34
N GLU D 33 -2.58 -5.34 -26.87
CA GLU D 33 -1.68 -4.41 -27.53
C GLU D 33 -1.47 -4.81 -28.98
N TYR D 34 -1.35 -6.11 -29.22
CA TYR D 34 -1.07 -6.60 -30.57
C TYR D 34 -2.25 -6.37 -31.50
N GLN D 35 -3.44 -6.75 -31.08
CA GLN D 35 -4.61 -6.57 -31.94
C GLN D 35 -4.75 -5.13 -32.39
N ARG D 36 -4.44 -4.18 -31.51
CA ARG D 36 -4.52 -2.78 -31.90
C ARG D 36 -3.53 -2.48 -33.02
N ARG D 37 -2.25 -2.78 -32.81
CA ARG D 37 -1.25 -2.45 -33.83
C ARG D 37 -1.52 -3.27 -35.09
N LEU D 38 -2.14 -4.42 -34.94
CA LEU D 38 -2.37 -5.28 -36.09
C LEU D 38 -3.48 -4.74 -36.98
N GLU D 39 -4.65 -4.48 -36.39
CA GLU D 39 -5.76 -3.94 -37.17
C GLU D 39 -5.38 -2.61 -37.80
N ALA D 40 -4.61 -1.80 -37.08
CA ALA D 40 -4.14 -0.55 -37.65
C ALA D 40 -3.17 -0.80 -38.79
N GLU D 41 -2.37 -1.85 -38.70
CA GLU D 41 -1.45 -2.14 -39.79
C GLU D 41 -2.19 -2.71 -41.00
N ARG D 42 -3.26 -3.46 -40.76
CA ARG D 42 -4.08 -3.93 -41.88
C ARG D 42 -4.75 -2.77 -42.61
N MET D 43 -5.19 -1.75 -41.86
CA MET D 43 -5.62 -0.51 -42.50
C MET D 43 -4.47 0.14 -43.25
N ARG D 44 -3.29 0.19 -42.60
CA ARG D 44 -2.10 0.76 -43.23
C ARG D 44 -1.84 0.11 -44.57
N LEU D 45 -2.30 -1.12 -44.74
CA LEU D 45 -2.15 -1.80 -46.00
C LEU D 45 -3.36 -1.55 -46.88
N ALA D 46 -4.53 -1.37 -46.26
CA ALA D 46 -5.73 -1.10 -47.05
C ALA D 46 -5.56 0.24 -47.76
N GLU D 47 -4.97 1.21 -47.06
CA GLU D 47 -4.71 2.50 -47.65
C GLU D 47 -3.54 2.43 -48.63
N GLU D 48 -2.71 1.41 -48.50
CA GLU D 48 -1.68 1.16 -49.50
C GLU D 48 -2.32 0.67 -50.80
N GLU D 49 -3.33 -0.19 -50.70
CA GLU D 49 -4.00 -0.66 -51.89
C GLU D 49 -4.78 0.44 -52.58
N LYS D 50 -5.37 1.36 -51.80
CA LYS D 50 -6.08 2.48 -52.45
C LYS D 50 -5.12 3.40 -53.19
N LEU D 51 -3.95 3.70 -52.60
CA LEU D 51 -2.99 4.55 -53.30
C LEU D 51 -2.46 3.92 -54.58
N ARG D 52 -2.16 2.63 -54.54
CA ARG D 52 -1.69 1.97 -55.76
C ARG D 52 -2.76 1.97 -56.83
N LYS D 53 -4.03 1.84 -56.42
CA LYS D 53 -5.12 2.00 -57.38
C LYS D 53 -5.18 3.43 -57.90
N GLU D 54 -4.98 4.42 -57.03
CA GLU D 54 -5.00 5.82 -57.46
C GLU D 54 -3.85 6.15 -58.41
N MET D 55 -2.64 5.68 -58.12
CA MET D 55 -1.50 5.98 -58.99
C MET D 55 -1.65 5.37 -60.38
N SER D 56 -2.17 4.14 -60.45
CA SER D 56 -2.38 3.50 -61.74
C SER D 56 -3.39 4.27 -62.59
N ALA D 57 -4.46 4.77 -61.96
CA ALA D 57 -5.46 5.54 -62.69
C ALA D 57 -4.87 6.82 -63.26
N LYS D 58 -4.00 7.50 -62.49
CA LYS D 58 -3.39 8.72 -63.03
C LYS D 58 -2.54 8.39 -64.25
N LYS D 59 -1.77 7.30 -64.19
CA LYS D 59 -0.98 6.90 -65.34
C LYS D 59 -1.89 6.49 -66.49
N ALA D 60 -3.02 5.86 -66.16
CA ALA D 60 -3.99 5.44 -67.19
C ALA D 60 -4.69 6.65 -67.81
N LYS D 61 -4.99 7.67 -67.01
CA LYS D 61 -5.60 8.87 -67.55
C LYS D 61 -4.64 9.62 -68.46
N GLU D 62 -3.38 9.75 -68.05
CA GLU D 62 -2.40 10.47 -68.85
C GLU D 62 -2.19 9.83 -70.22
N GLU D 63 -2.08 8.48 -70.25
CA GLU D 63 -1.86 7.80 -71.52
C GLU D 63 -3.12 7.76 -72.38
N ALA D 64 -4.30 7.66 -71.75
CA ALA D 64 -5.53 7.64 -72.54
C ALA D 64 -5.68 8.95 -73.30
N GLU D 65 -5.51 10.07 -72.61
CA GLU D 65 -5.60 11.38 -73.27
C GLU D 65 -4.41 11.61 -74.18
N ARG D 66 -3.26 10.99 -73.87
CA ARG D 66 -2.14 10.99 -74.80
C ARG D 66 -2.57 10.40 -76.13
N LYS D 67 -3.23 9.24 -76.08
CA LYS D 67 -3.69 8.55 -77.28
C LYS D 67 -4.80 9.36 -77.96
N HIS D 68 -5.69 9.94 -77.15
CA HIS D 68 -6.73 10.82 -77.68
C HIS D 68 -6.09 11.97 -78.46
N GLN D 69 -5.03 12.59 -77.93
CA GLN D 69 -4.36 13.66 -78.66
C GLN D 69 -3.67 13.11 -79.90
N GLU D 70 -3.14 11.89 -79.80
CA GLU D 70 -2.53 11.21 -80.94
C GLU D 70 -3.54 11.04 -82.06
N ARG D 71 -4.78 10.74 -81.70
CA ARG D 71 -5.84 10.61 -82.70
C ARG D 71 -6.12 11.93 -83.38
N LEU D 72 -6.00 13.06 -82.67
CA LEU D 72 -6.20 14.32 -83.37
C LEU D 72 -5.06 14.55 -84.35
N ALA D 73 -3.88 14.01 -84.07
CA ALA D 73 -2.78 14.08 -85.02
C ALA D 73 -3.12 13.37 -86.32
N GLN D 74 -3.73 12.19 -86.20
CA GLN D 74 -4.15 11.40 -87.35
C GLN D 74 -5.23 12.11 -88.15
N LEU D 75 -6.20 12.70 -87.46
CA LEU D 75 -7.31 13.32 -88.18
C LEU D 75 -6.88 14.59 -88.88
N ALA D 76 -5.86 15.29 -88.38
CA ALA D 76 -5.38 16.43 -89.16
C ALA D 76 -4.59 15.97 -90.40
N ARG D 77 -3.80 14.89 -90.27
CA ARG D 77 -3.13 14.33 -91.44
C ARG D 77 -4.12 13.88 -92.49
N GLU D 78 -5.14 13.12 -92.06
CA GLU D 78 -6.15 12.61 -92.97
C GLU D 78 -6.83 13.76 -93.70
N ASP D 79 -7.20 14.80 -92.94
CA ASP D 79 -7.94 15.93 -93.49
C ASP D 79 -7.08 16.74 -94.43
N ALA D 80 -5.79 16.89 -94.12
CA ALA D 80 -4.90 17.59 -95.04
C ALA D 80 -4.68 16.78 -96.31
N GLU D 81 -4.57 15.46 -96.18
CA GLU D 81 -4.45 14.60 -97.35
C GLU D 81 -5.72 14.61 -98.20
N ARG D 82 -6.88 14.52 -97.54
CA ARG D 82 -8.16 14.60 -98.25
C ARG D 82 -8.40 15.99 -98.82
N GLU D 83 -7.93 17.02 -98.11
CA GLU D 83 -8.07 18.38 -98.61
C GLU D 83 -7.32 18.56 -99.93
N LEU D 84 -6.13 17.99 -100.03
CA LEU D 84 -5.34 18.16 -101.25
C LEU D 84 -5.92 17.34 -102.40
N LYS D 85 -6.31 16.08 -102.12
CA LYS D 85 -6.92 15.27 -103.17
C LYS D 85 -8.18 15.92 -103.71
N GLU D 86 -8.99 16.54 -102.83
CA GLU D 86 -10.18 17.27 -103.26
C GLU D 86 -9.81 18.51 -104.06
N LYS D 87 -8.69 19.15 -103.72
CA LYS D 87 -8.23 20.28 -104.51
C LYS D 87 -7.73 19.83 -105.87
N GLU D 88 -7.07 18.67 -105.92
CA GLU D 88 -6.65 18.10 -107.19
C GLU D 88 -7.85 17.64 -108.01
N GLU D 89 -8.88 17.12 -107.32
CA GLU D 89 -10.12 16.76 -107.99
C GLU D 89 -10.85 18.00 -108.51
N ALA D 90 -10.66 19.15 -107.85
CA ALA D 90 -11.22 20.39 -108.36
C ALA D 90 -10.46 20.90 -109.58
N ARG D 91 -9.13 20.81 -109.56
CA ARG D 91 -8.32 21.26 -110.69
C ARG D 91 -6.97 20.55 -110.71
#